data_4LW8
#
_entry.id   4LW8
#
_cell.length_a   98.970
_cell.length_b   98.970
_cell.length_c   173.590
_cell.angle_alpha   90.000
_cell.angle_beta   90.000
_cell.angle_gamma   120.000
#
_symmetry.space_group_name_H-M   'P 31 2 1'
#
loop_
_entity.id
_entity.type
_entity.pdbx_description
1 polymer 'Putative epimerase'
2 non-polymer '4-(2-HYDROXYETHYL)-1-PIPERAZINE ETHANESULFONIC ACID'
3 water water
#
_entity_poly.entity_id   1
_entity_poly.type   'polypeptide(L)'
_entity_poly.pdbx_seq_one_letter_code
;MAHHHHHHMTRSETGRPSRRAFVTGLTGFTGRYMAERLQAAGYDVWGTVAPGTPRPADPAFAQCTLLPVDLLDAEAMRAA
AADARPDAVVHLAARAHVAQDEPSQTYAVNIVGTRNLLAALSGLDRRPSAVLLASSANIYGNSTAGVLDETVAPAPANDY
AVSKLAMEYAAKLWADRLPIVIARPFNYTGVGQSDAYLLPKLVAHYARNAPRISLGNLDVSRDFSDVRDVTAAYLKLIEA
APAGETFNVCSERAYSLKEVLAMLSRIAGYVIDVTIDPRFVRHNEVKSLSGSRDKLRRAVGELPVTPLDETLRWMVDAMR
AAPPGHAAG
;
_entity_poly.pdbx_strand_id   A,B
#
loop_
_chem_comp.id
_chem_comp.type
_chem_comp.name
_chem_comp.formula
EPE non-polymer '4-(2-HYDROXYETHYL)-1-PIPERAZINE ETHANESULFONIC ACID' 'C8 H18 N2 O4 S'
#
# COMPACT_ATOMS: atom_id res chain seq x y z
N GLY A 15 -17.56 -14.98 38.16
CA GLY A 15 -16.72 -15.92 37.46
C GLY A 15 -16.03 -15.29 36.26
N ARG A 16 -15.49 -16.14 35.38
CA ARG A 16 -14.83 -15.69 34.17
C ARG A 16 -15.79 -14.95 33.24
N PRO A 17 -15.47 -13.68 32.91
CA PRO A 17 -16.36 -12.82 32.12
C PRO A 17 -16.78 -13.42 30.79
N SER A 18 -18.06 -13.27 30.45
CA SER A 18 -18.61 -13.76 29.19
C SER A 18 -18.19 -12.91 27.97
N ARG A 19 -18.00 -11.61 28.19
CA ARG A 19 -17.62 -10.69 27.13
C ARG A 19 -16.14 -10.82 26.77
N ARG A 20 -15.84 -11.08 25.51
CA ARG A 20 -14.48 -11.44 25.13
C ARG A 20 -13.79 -10.41 24.25
N ALA A 21 -12.49 -10.26 24.48
CA ALA A 21 -11.65 -9.48 23.59
C ALA A 21 -10.62 -10.41 22.97
N PHE A 22 -10.19 -10.08 21.76
CA PHE A 22 -9.21 -10.85 21.03
C PHE A 22 -8.11 -9.91 20.55
N VAL A 23 -6.88 -10.15 21.00
CA VAL A 23 -5.76 -9.25 20.72
C VAL A 23 -4.65 -9.99 20.01
N THR A 24 -4.34 -9.59 18.77
CA THR A 24 -3.18 -10.20 18.13
C THR A 24 -1.89 -9.60 18.71
N GLY A 25 -0.84 -10.41 18.81
CA GLY A 25 0.41 -9.94 19.40
C GLY A 25 0.21 -9.57 20.85
N LEU A 26 -0.66 -10.31 21.53
CA LEU A 26 -1.04 -10.03 22.91
C LEU A 26 0.15 -10.00 23.89
N THR A 27 1.16 -10.85 23.66
CA THR A 27 2.26 -10.92 24.64
C THR A 27 3.42 -9.97 24.30
N GLY A 28 3.28 -9.15 23.26
CA GLY A 28 4.31 -8.17 22.99
C GLY A 28 4.22 -7.02 23.98
N PHE A 29 5.10 -6.03 23.79
CA PHE A 29 5.16 -4.86 24.66
C PHE A 29 3.81 -4.15 24.82
N THR A 30 3.21 -3.75 23.72
CA THR A 30 1.94 -3.01 23.76
C THR A 30 0.80 -3.91 24.26
N GLY A 31 0.80 -5.16 23.82
CA GLY A 31 -0.21 -6.11 24.20
C GLY A 31 -0.34 -6.32 25.69
N ARG A 32 0.78 -6.32 26.41
CA ARG A 32 0.75 -6.51 27.85
C ARG A 32 -0.09 -5.43 28.55
N TYR A 33 0.08 -4.19 28.12
CA TYR A 33 -0.72 -3.08 28.62
C TYR A 33 -2.16 -3.07 28.09
N MET A 34 -2.35 -3.49 26.83
CA MET A 34 -3.71 -3.56 26.27
C MET A 34 -4.54 -4.56 27.06
N ALA A 35 -3.89 -5.64 27.46
CA ALA A 35 -4.55 -6.67 28.24
C ALA A 35 -5.10 -6.11 29.56
N GLU A 36 -4.26 -5.39 30.30
CA GLU A 36 -4.69 -4.80 31.56
C GLU A 36 -5.87 -3.83 31.35
N ARG A 37 -5.79 -2.97 30.34
CA ARG A 37 -6.89 -2.05 30.04
C ARG A 37 -8.20 -2.80 29.77
N LEU A 38 -8.16 -3.80 28.91
CA LEU A 38 -9.34 -4.58 28.57
C LEU A 38 -9.89 -5.37 29.76
N GLN A 39 -9.01 -5.99 30.53
CA GLN A 39 -9.43 -6.73 31.72
C GLN A 39 -10.14 -5.83 32.73
N ALA A 40 -9.61 -4.62 32.93
CA ALA A 40 -10.22 -3.67 33.85
C ALA A 40 -11.55 -3.15 33.31
N ALA A 41 -11.72 -3.17 32.01
CA ALA A 41 -12.99 -2.75 31.41
C ALA A 41 -13.98 -3.92 31.38
N GLY A 42 -13.55 -5.06 31.93
CA GLY A 42 -14.41 -6.21 32.12
C GLY A 42 -14.38 -7.31 31.07
N TYR A 43 -13.41 -7.29 30.15
CA TYR A 43 -13.32 -8.32 29.12
C TYR A 43 -12.58 -9.57 29.57
N ASP A 44 -12.97 -10.71 29.00
CA ASP A 44 -12.15 -11.92 29.03
C ASP A 44 -11.19 -11.81 27.86
N VAL A 45 -9.90 -11.64 28.15
CA VAL A 45 -8.94 -11.35 27.09
C VAL A 45 -8.33 -12.61 26.51
N TRP A 46 -8.55 -12.81 25.20
CA TRP A 46 -7.90 -13.85 24.41
C TRP A 46 -6.90 -13.20 23.47
N GLY A 47 -5.94 -13.96 22.95
CA GLY A 47 -5.01 -13.37 22.01
C GLY A 47 -4.11 -14.38 21.33
N THR A 48 -3.34 -13.94 20.35
CA THR A 48 -2.46 -14.86 19.63
C THR A 48 -1.02 -14.74 20.12
N VAL A 49 -0.29 -15.86 20.03
CA VAL A 49 1.16 -15.91 20.22
C VAL A 49 1.76 -16.68 19.06
N ALA A 50 3.05 -16.52 18.81
CA ALA A 50 3.73 -17.27 17.75
C ALA A 50 3.88 -18.73 18.14
N PRO A 51 3.53 -19.65 17.24
CA PRO A 51 3.73 -21.08 17.47
C PRO A 51 5.20 -21.38 17.75
N GLY A 52 5.47 -22.30 18.66
CA GLY A 52 6.83 -22.79 18.88
C GLY A 52 7.75 -21.85 19.66
N THR A 53 7.24 -20.69 20.03
CA THR A 53 7.97 -19.80 20.92
C THR A 53 7.61 -20.18 22.36
N PRO A 54 8.55 -19.95 23.31
CA PRO A 54 8.33 -20.26 24.72
C PRO A 54 7.12 -19.53 25.31
N ARG A 55 6.44 -20.16 26.26
CA ARG A 55 5.32 -19.51 26.96
C ARG A 55 5.81 -18.26 27.69
N PRO A 56 4.93 -17.25 27.82
CA PRO A 56 5.24 -16.03 28.60
C PRO A 56 5.24 -16.27 30.11
N ALA A 57 6.19 -15.65 30.81
CA ALA A 57 6.31 -15.78 32.25
C ALA A 57 5.59 -14.68 33.03
N ASP A 58 5.42 -13.53 32.37
CA ASP A 58 4.78 -12.35 32.97
C ASP A 58 3.39 -12.64 33.55
N PRO A 59 3.18 -12.28 34.82
CA PRO A 59 1.91 -12.49 35.53
C PRO A 59 0.74 -11.74 34.91
N ALA A 60 1.02 -10.75 34.06
CA ALA A 60 -0.02 -9.99 33.40
C ALA A 60 -0.86 -10.88 32.47
N PHE A 61 -0.29 -12.01 32.08
CA PHE A 61 -0.97 -12.91 31.14
C PHE A 61 -1.62 -14.11 31.83
N ALA A 62 -1.64 -14.10 33.16
CA ALA A 62 -2.11 -15.24 33.93
C ALA A 62 -3.58 -15.54 33.63
N GLN A 63 -4.38 -14.51 33.37
CA GLN A 63 -5.79 -14.70 33.09
C GLN A 63 -6.13 -14.54 31.60
N CYS A 64 -5.12 -14.58 30.74
CA CYS A 64 -5.36 -14.48 29.31
C CYS A 64 -5.39 -15.85 28.66
N THR A 65 -6.25 -16.02 27.68
CA THR A 65 -6.29 -17.26 26.90
C THR A 65 -5.41 -17.03 25.66
N LEU A 66 -4.30 -17.78 25.57
CA LEU A 66 -3.30 -17.58 24.53
C LEU A 66 -3.39 -18.66 23.46
N LEU A 67 -3.66 -18.25 22.22
CA LEU A 67 -3.80 -19.20 21.13
C LEU A 67 -2.60 -19.14 20.15
N PRO A 68 -1.87 -20.26 19.99
CA PRO A 68 -0.73 -20.21 19.05
C PRO A 68 -1.23 -20.12 17.61
N VAL A 69 -1.05 -18.96 17.01
CA VAL A 69 -1.50 -18.69 15.64
C VAL A 69 -0.47 -17.87 14.86
N ASP A 70 -0.08 -18.37 13.69
CA ASP A 70 0.69 -17.57 12.75
C ASP A 70 -0.28 -16.75 11.89
N LEU A 71 -0.09 -15.43 11.82
CA LEU A 71 -0.97 -14.55 11.04
C LEU A 71 -1.11 -14.96 9.57
N LEU A 72 -0.04 -15.53 9.01
CA LEU A 72 -0.10 -15.95 7.60
C LEU A 72 -0.82 -17.30 7.44
N ASP A 73 -1.20 -17.90 8.56
CA ASP A 73 -1.95 -19.16 8.55
C ASP A 73 -3.45 -18.84 8.60
N ALA A 74 -4.06 -18.65 7.43
CA ALA A 74 -5.42 -18.13 7.34
C ALA A 74 -6.40 -19.05 8.05
N GLU A 75 -6.21 -20.36 7.87
CA GLU A 75 -7.12 -21.32 8.46
C GLU A 75 -6.98 -21.36 9.99
N ALA A 76 -5.76 -21.30 10.50
CA ALA A 76 -5.59 -21.27 11.96
C ALA A 76 -6.16 -19.97 12.53
N MET A 77 -6.07 -18.88 11.79
CA MET A 77 -6.67 -17.63 12.24
CA MET A 77 -6.67 -17.63 12.23
C MET A 77 -8.21 -17.73 12.27
N ARG A 78 -8.78 -18.38 11.26
CA ARG A 78 -10.23 -18.54 11.21
C ARG A 78 -10.71 -19.36 12.44
N ALA A 79 -10.04 -20.48 12.70
CA ALA A 79 -10.38 -21.36 13.82
C ALA A 79 -10.19 -20.67 15.18
N ALA A 80 -9.13 -19.89 15.32
CA ALA A 80 -8.92 -19.13 16.55
C ALA A 80 -10.04 -18.11 16.79
N ALA A 81 -10.43 -17.38 15.75
CA ALA A 81 -11.47 -16.37 15.87
C ALA A 81 -12.81 -17.00 16.22
N ALA A 82 -13.11 -18.11 15.57
CA ALA A 82 -14.40 -18.77 15.78
C ALA A 82 -14.52 -19.33 17.21
N ASP A 83 -13.39 -19.69 17.78
CA ASP A 83 -13.31 -20.18 19.16
C ASP A 83 -13.41 -18.99 20.13
N ALA A 84 -12.64 -17.94 19.84
CA ALA A 84 -12.59 -16.76 20.69
C ALA A 84 -13.92 -15.97 20.68
N ARG A 85 -14.57 -15.91 19.52
CA ARG A 85 -15.85 -15.21 19.38
C ARG A 85 -15.83 -13.78 19.97
N PRO A 86 -14.84 -12.97 19.60
CA PRO A 86 -14.71 -11.71 20.33
C PRO A 86 -15.80 -10.69 20.04
N ASP A 87 -16.12 -9.87 21.04
CA ASP A 87 -16.88 -8.65 20.77
CA ASP A 87 -16.88 -8.64 20.84
C ASP A 87 -15.94 -7.50 20.43
N ALA A 88 -14.72 -7.53 20.95
CA ALA A 88 -13.73 -6.47 20.66
C ALA A 88 -12.43 -7.09 20.15
N VAL A 89 -11.82 -6.47 19.14
CA VAL A 89 -10.57 -6.95 18.59
C VAL A 89 -9.54 -5.84 18.57
N VAL A 90 -8.32 -6.12 19.00
CA VAL A 90 -7.24 -5.14 18.85
C VAL A 90 -6.11 -5.83 18.10
N HIS A 91 -5.79 -5.30 16.94
CA HIS A 91 -4.78 -5.90 16.08
C HIS A 91 -3.43 -5.21 16.29
N LEU A 92 -2.55 -5.82 17.06
CA LEU A 92 -1.25 -5.23 17.39
C LEU A 92 -0.09 -5.94 16.70
N ALA A 93 -0.32 -7.18 16.28
CA ALA A 93 0.74 -8.01 15.71
C ALA A 93 1.20 -7.46 14.37
N ALA A 94 2.50 -7.23 14.24
CA ALA A 94 3.08 -6.74 12.98
C ALA A 94 4.54 -7.16 12.92
N ARG A 95 5.16 -6.98 11.76
CA ARG A 95 6.59 -7.22 11.65
C ARG A 95 7.29 -5.88 11.56
N ALA A 96 8.28 -5.67 12.44
CA ALA A 96 9.32 -4.64 12.32
C ALA A 96 8.83 -3.26 12.74
N GLU A 102 13.70 -8.98 5.82
CA GLU A 102 13.23 -9.10 4.44
C GLU A 102 11.97 -8.26 4.23
N PRO A 103 12.01 -7.37 3.22
CA PRO A 103 10.87 -6.50 2.90
C PRO A 103 9.64 -7.36 2.62
N SER A 104 9.83 -8.49 1.95
CA SER A 104 8.72 -9.35 1.57
C SER A 104 7.90 -9.85 2.76
N GLN A 105 8.55 -10.14 3.88
CA GLN A 105 7.83 -10.61 5.06
C GLN A 105 7.07 -9.47 5.75
N THR A 106 7.65 -8.28 5.71
CA THR A 106 7.04 -7.08 6.23
C THR A 106 5.74 -6.77 5.51
N TYR A 107 5.76 -6.81 4.17
CA TYR A 107 4.52 -6.60 3.41
C TYR A 107 3.52 -7.74 3.63
N ALA A 108 3.99 -8.99 3.59
CA ALA A 108 3.11 -10.14 3.79
C ALA A 108 2.43 -10.12 5.17
N VAL A 109 3.21 -10.03 6.23
CA VAL A 109 2.67 -10.04 7.59
C VAL A 109 1.71 -8.83 7.80
N ASN A 110 2.12 -7.63 7.42
CA ASN A 110 1.29 -6.46 7.72
C ASN A 110 0.07 -6.28 6.82
N ILE A 111 0.13 -6.72 5.57
CA ILE A 111 -1.04 -6.62 4.69
C ILE A 111 -1.88 -7.90 4.70
N VAL A 112 -1.26 -9.01 4.33
CA VAL A 112 -2.00 -10.27 4.21
C VAL A 112 -2.36 -10.83 5.60
N GLY A 113 -1.46 -10.71 6.59
CA GLY A 113 -1.77 -11.14 7.94
C GLY A 113 -2.99 -10.39 8.48
N THR A 114 -3.05 -9.09 8.25
CA THR A 114 -4.22 -8.30 8.63
C THR A 114 -5.45 -8.74 7.85
N ARG A 115 -5.28 -8.99 6.56
CA ARG A 115 -6.39 -9.46 5.75
C ARG A 115 -6.91 -10.81 6.28
N ASN A 116 -6.01 -11.71 6.67
CA ASN A 116 -6.44 -13.00 7.22
C ASN A 116 -7.28 -12.82 8.48
N LEU A 117 -6.88 -11.88 9.33
CA LEU A 117 -7.64 -11.57 10.54
C LEU A 117 -9.06 -11.07 10.20
N LEU A 118 -9.15 -10.12 9.25
CA LEU A 118 -10.44 -9.54 8.89
C LEU A 118 -11.35 -10.60 8.27
N ALA A 119 -10.78 -11.46 7.41
CA ALA A 119 -11.56 -12.55 6.80
C ALA A 119 -12.11 -13.50 7.86
N ALA A 120 -11.29 -13.79 8.87
CA ALA A 120 -11.69 -14.67 9.97
C ALA A 120 -12.84 -14.05 10.77
N LEU A 121 -12.75 -12.77 11.06
CA LEU A 121 -13.79 -12.10 11.84
C LEU A 121 -15.09 -12.00 11.04
N SER A 122 -14.94 -11.70 9.75
CA SER A 122 -16.08 -11.47 8.87
C SER A 122 -16.91 -12.76 8.70
N GLY A 123 -16.25 -13.90 8.84
CA GLY A 123 -16.93 -15.17 8.68
C GLY A 123 -17.62 -15.67 9.94
N LEU A 124 -17.48 -14.95 11.05
CA LEU A 124 -18.13 -15.34 12.29
C LEU A 124 -19.64 -15.19 12.21
N ASP A 125 -20.36 -16.03 12.94
CA ASP A 125 -21.80 -15.94 13.06
C ASP A 125 -22.20 -14.61 13.68
N ARG A 126 -21.46 -14.21 14.70
CA ARG A 126 -21.66 -12.92 15.32
C ARG A 126 -20.37 -12.13 15.12
N ARG A 127 -20.45 -11.03 14.39
CA ARG A 127 -19.26 -10.25 14.10
C ARG A 127 -19.00 -9.31 15.27
N PRO A 128 -17.73 -8.98 15.52
CA PRO A 128 -17.39 -8.12 16.66
C PRO A 128 -18.02 -6.73 16.55
N SER A 129 -18.24 -6.06 17.68
CA SER A 129 -18.80 -4.71 17.71
CA SER A 129 -18.81 -4.72 17.65
C SER A 129 -17.73 -3.65 17.38
N ALA A 130 -16.47 -4.02 17.54
CA ALA A 130 -15.38 -3.08 17.27
C ALA A 130 -14.08 -3.81 16.95
N VAL A 131 -13.46 -3.41 15.84
CA VAL A 131 -12.18 -3.95 15.39
C VAL A 131 -11.18 -2.81 15.27
N LEU A 132 -10.23 -2.73 16.19
CA LEU A 132 -9.26 -1.65 16.20
C LEU A 132 -7.95 -2.13 15.57
N LEU A 133 -7.52 -1.49 14.51
CA LEU A 133 -6.26 -1.86 13.88
C LEU A 133 -5.19 -0.83 14.23
N ALA A 134 -4.03 -1.30 14.67
CA ALA A 134 -2.94 -0.38 14.97
C ALA A 134 -2.13 -0.15 13.70
N SER A 135 -2.30 1.03 13.10
CA SER A 135 -1.41 1.48 12.04
C SER A 135 -0.25 2.17 12.72
N SER A 136 0.28 3.22 12.09
CA SER A 136 1.40 3.95 12.66
C SER A 136 1.45 5.36 12.12
N ALA A 137 1.88 6.31 12.95
CA ALA A 137 2.10 7.66 12.46
C ALA A 137 3.27 7.74 11.47
N ASN A 138 4.03 6.65 11.32
CA ASN A 138 5.14 6.63 10.37
CA ASN A 138 5.14 6.67 10.37
C ASN A 138 4.63 6.74 8.93
N ILE A 139 3.33 6.52 8.73
CA ILE A 139 2.78 6.67 7.39
C ILE A 139 2.86 8.14 6.90
N TYR A 140 2.96 9.09 7.83
CA TYR A 140 3.13 10.51 7.45
C TYR A 140 4.57 10.79 6.96
N GLY A 141 5.52 9.95 7.36
CA GLY A 141 6.90 10.14 6.93
C GLY A 141 7.50 11.41 7.48
N ASN A 142 8.40 12.04 6.71
CA ASN A 142 9.09 13.25 7.14
C ASN A 142 8.36 14.55 6.77
N SER A 143 7.14 14.73 7.30
CA SER A 143 6.32 15.88 6.93
C SER A 143 6.85 17.18 7.50
N THR A 144 6.75 18.24 6.72
CA THR A 144 7.19 19.56 7.15
C THR A 144 6.07 20.36 7.78
N ALA A 145 4.93 19.71 7.99
CA ALA A 145 3.73 20.43 8.42
C ALA A 145 3.73 20.82 9.90
N GLY A 146 4.79 20.44 10.64
CA GLY A 146 4.88 20.74 12.06
C GLY A 146 3.96 19.92 12.95
N VAL A 147 2.68 20.27 12.99
CA VAL A 147 1.66 19.54 13.76
C VAL A 147 0.74 18.81 12.80
N LEU A 148 0.73 17.48 12.85
CA LEU A 148 -0.02 16.69 11.87
C LEU A 148 -1.40 16.25 12.38
N ASP A 149 -2.44 16.52 11.59
CA ASP A 149 -3.74 15.90 11.85
C ASP A 149 -4.00 14.83 10.79
N GLU A 150 -5.17 14.20 10.83
CA GLU A 150 -5.42 13.03 9.98
C GLU A 150 -5.62 13.35 8.49
N THR A 151 -5.68 14.64 8.13
CA THR A 151 -5.85 15.01 6.73
C THR A 151 -4.51 15.20 6.01
N VAL A 152 -3.41 15.06 6.73
CA VAL A 152 -2.09 15.24 6.12
C VAL A 152 -1.78 14.08 5.19
N ALA A 153 -1.34 14.41 3.97
CA ALA A 153 -1.08 13.41 2.95
C ALA A 153 0.03 12.49 3.40
N PRO A 154 -0.20 11.18 3.25
CA PRO A 154 0.82 10.21 3.64
C PRO A 154 2.08 10.35 2.79
N ALA A 155 3.23 10.08 3.40
CA ALA A 155 4.49 9.99 2.66
C ALA A 155 5.42 9.00 3.36
N PRO A 156 5.02 7.74 3.43
CA PRO A 156 5.80 6.74 4.18
C PRO A 156 7.24 6.66 3.66
N ALA A 157 8.22 6.58 4.55
CA ALA A 157 9.63 6.75 4.16
C ALA A 157 10.45 5.45 4.29
N ASN A 158 9.81 4.35 4.62
CA ASN A 158 10.45 3.04 4.53
C ASN A 158 9.41 1.96 4.27
N ASP A 159 9.85 0.74 3.96
CA ASP A 159 8.92 -0.33 3.60
C ASP A 159 7.94 -0.64 4.72
N TYR A 160 8.43 -0.59 5.95
CA TYR A 160 7.56 -0.82 7.10
C TYR A 160 6.40 0.19 7.10
N ALA A 161 6.72 1.48 6.91
CA ALA A 161 5.67 2.52 6.92
C ALA A 161 4.71 2.35 5.73
N VAL A 162 5.25 1.97 4.58
CA VAL A 162 4.43 1.70 3.38
C VAL A 162 3.46 0.54 3.66
N SER A 163 3.97 -0.51 4.31
CA SER A 163 3.15 -1.69 4.57
C SER A 163 2.02 -1.36 5.54
N LYS A 164 2.27 -0.45 6.48
CA LYS A 164 1.22 -0.01 7.41
C LYS A 164 0.12 0.79 6.69
N LEU A 165 0.53 1.66 5.79
CA LEU A 165 -0.41 2.42 4.99
C LEU A 165 -1.22 1.48 4.09
N ALA A 166 -0.54 0.51 3.50
CA ALA A 166 -1.19 -0.45 2.62
C ALA A 166 -2.20 -1.27 3.43
N MET A 167 -1.83 -1.60 4.67
CA MET A 167 -2.73 -2.30 5.57
CA MET A 167 -2.73 -2.30 5.57
C MET A 167 -4.03 -1.51 5.74
N GLU A 168 -3.91 -0.20 5.91
CA GLU A 168 -5.10 0.63 6.10
C GLU A 168 -6.03 0.49 4.90
N TYR A 169 -5.46 0.60 3.69
CA TYR A 169 -6.29 0.55 2.48
C TYR A 169 -6.87 -0.86 2.31
N ALA A 170 -6.08 -1.89 2.59
CA ALA A 170 -6.56 -3.26 2.46
C ALA A 170 -7.70 -3.52 3.45
N ALA A 171 -7.58 -2.94 4.64
CA ALA A 171 -8.60 -3.14 5.66
C ALA A 171 -9.93 -2.47 5.33
N LYS A 172 -9.88 -1.31 4.70
CA LYS A 172 -11.10 -0.59 4.36
C LYS A 172 -11.96 -1.37 3.35
N LEU A 173 -11.37 -2.37 2.67
CA LEU A 173 -12.17 -3.21 1.78
C LEU A 173 -13.21 -4.03 2.57
N TRP A 174 -13.00 -4.16 3.87
CA TRP A 174 -13.88 -4.95 4.73
C TRP A 174 -14.89 -4.10 5.50
N ALA A 175 -14.97 -2.81 5.18
CA ALA A 175 -15.78 -1.87 5.93
C ALA A 175 -17.28 -2.21 5.88
N ASP A 176 -17.71 -2.88 4.81
CA ASP A 176 -19.13 -3.25 4.69
C ASP A 176 -19.47 -4.44 5.60
N ARG A 177 -18.45 -5.10 6.13
CA ARG A 177 -18.67 -6.31 6.91
C ARG A 177 -18.28 -6.16 8.38
N LEU A 178 -17.39 -5.21 8.67
CA LEU A 178 -16.85 -5.06 10.02
C LEU A 178 -16.74 -3.61 10.45
N PRO A 179 -16.97 -3.32 11.73
CA PRO A 179 -16.78 -1.97 12.28
C PRO A 179 -15.31 -1.71 12.59
N ILE A 180 -14.62 -1.03 11.69
CA ILE A 180 -13.16 -0.96 11.73
C ILE A 180 -12.68 0.43 12.08
N VAL A 181 -11.86 0.52 13.12
CA VAL A 181 -11.28 1.77 13.58
C VAL A 181 -9.78 1.65 13.41
N ILE A 182 -9.16 2.70 12.86
CA ILE A 182 -7.72 2.67 12.62
C ILE A 182 -7.02 3.66 13.54
N ALA A 183 -6.01 3.20 14.27
CA ALA A 183 -5.22 4.08 15.10
C ALA A 183 -3.87 4.35 14.44
N ARG A 184 -3.45 5.62 14.44
CA ARG A 184 -2.08 5.96 14.01
C ARG A 184 -1.28 6.50 15.20
N PRO A 185 -0.72 5.59 16.01
CA PRO A 185 0.06 6.05 17.17
C PRO A 185 1.33 6.76 16.75
N PHE A 186 1.65 7.85 17.43
CA PHE A 186 2.99 8.42 17.30
C PHE A 186 3.93 7.61 18.20
N ASN A 187 5.17 8.05 18.38
CA ASN A 187 6.13 7.32 19.22
C ASN A 187 5.64 7.12 20.63
N TYR A 188 5.80 5.91 21.14
CA TYR A 188 5.45 5.68 22.53
C TYR A 188 6.36 4.63 23.14
N THR A 189 6.45 4.65 24.46
CA THR A 189 7.42 3.82 25.14
C THR A 189 6.94 3.54 26.56
N GLY A 190 7.72 2.76 27.29
CA GLY A 190 7.34 2.40 28.64
C GLY A 190 8.09 1.16 29.07
N VAL A 191 7.81 0.67 30.27
CA VAL A 191 8.50 -0.51 30.80
C VAL A 191 8.20 -1.73 29.94
N GLY A 192 9.27 -2.40 29.50
CA GLY A 192 9.14 -3.62 28.69
C GLY A 192 9.47 -3.46 27.22
N GLN A 193 9.58 -2.24 26.72
CA GLN A 193 9.94 -2.02 25.32
C GLN A 193 11.44 -2.30 25.10
N SER A 194 11.80 -2.95 23.99
CA SER A 194 13.20 -3.34 23.79
C SER A 194 14.10 -2.12 23.55
N ASP A 195 15.40 -2.27 23.82
CA ASP A 195 16.33 -1.15 23.69
C ASP A 195 16.73 -0.95 22.23
N ALA A 196 16.04 -1.62 21.33
CA ALA A 196 16.14 -1.32 19.91
C ALA A 196 15.53 0.05 19.64
N TYR A 197 14.64 0.46 20.53
CA TYR A 197 14.05 1.78 20.44
C TYR A 197 14.88 2.81 21.20
N LEU A 198 14.79 4.07 20.79
CA LEU A 198 15.67 5.11 21.30
C LEU A 198 15.54 5.39 22.81
N LEU A 199 14.34 5.69 23.28
CA LEU A 199 14.18 6.02 24.70
C LEU A 199 14.57 4.87 25.65
N PRO A 200 14.17 3.61 25.35
CA PRO A 200 14.71 2.52 26.18
C PRO A 200 16.24 2.40 26.15
N LYS A 201 16.84 2.73 25.01
CA LYS A 201 18.31 2.74 24.92
C LYS A 201 18.90 3.78 25.88
N LEU A 202 18.33 4.98 25.86
CA LEU A 202 18.75 6.06 26.75
C LEU A 202 18.55 5.66 28.21
N VAL A 203 17.36 5.13 28.52
CA VAL A 203 17.06 4.69 29.89
C VAL A 203 18.04 3.61 30.35
N ALA A 204 18.31 2.63 29.49
CA ALA A 204 19.22 1.54 29.82
C ALA A 204 20.61 2.07 30.15
N HIS A 205 21.08 3.05 29.37
CA HIS A 205 22.38 3.64 29.63
C HIS A 205 22.41 4.36 30.98
N TYR A 206 21.41 5.21 31.23
CA TYR A 206 21.40 5.96 32.49
C TYR A 206 21.21 5.04 33.68
N ALA A 207 20.43 3.98 33.48
CA ALA A 207 20.09 3.07 34.58
C ALA A 207 21.32 2.37 35.11
N ARG A 208 22.27 2.07 34.23
CA ARG A 208 23.51 1.39 34.64
C ARG A 208 24.66 2.39 34.77
N ASN A 209 24.32 3.68 34.86
CA ASN A 209 25.30 4.75 34.99
C ASN A 209 26.38 4.73 33.90
N ALA A 210 25.99 4.46 32.66
CA ALA A 210 26.94 4.49 31.56
C ALA A 210 27.57 5.87 31.44
N PRO A 211 28.91 5.93 31.24
CA PRO A 211 29.57 7.23 31.10
C PRO A 211 29.17 7.95 29.81
N ARG A 212 29.00 7.20 28.71
CA ARG A 212 28.73 7.84 27.43
C ARG A 212 27.75 7.08 26.53
N ILE A 213 27.25 7.80 25.52
CA ILE A 213 26.36 7.24 24.51
C ILE A 213 26.51 7.98 23.17
N SER A 214 26.15 7.31 22.09
CA SER A 214 26.25 7.88 20.76
C SER A 214 24.87 8.09 20.21
N LEU A 215 24.60 9.31 19.72
CA LEU A 215 23.28 9.69 19.23
C LEU A 215 23.36 10.53 17.95
N GLY A 216 22.21 10.82 17.37
CA GLY A 216 22.13 11.74 16.24
C GLY A 216 22.02 13.17 16.74
N ASN A 217 21.38 14.04 15.96
CA ASN A 217 21.19 15.43 16.34
C ASN A 217 20.28 15.53 17.56
N LEU A 218 20.61 16.44 18.46
CA LEU A 218 19.92 16.58 19.74
C LEU A 218 18.83 17.64 19.67
N ASP A 219 18.71 18.30 18.52
CA ASP A 219 17.79 19.42 18.38
C ASP A 219 16.58 19.01 17.54
N VAL A 220 16.40 17.71 17.38
CA VAL A 220 15.28 17.19 16.61
C VAL A 220 14.16 16.76 17.57
N SER A 221 13.00 17.38 17.43
CA SER A 221 11.89 17.21 18.37
C SER A 221 10.81 16.29 17.84
N ARG A 222 10.35 15.36 18.66
CA ARG A 222 9.31 14.40 18.26
C ARG A 222 8.31 14.17 19.38
N ASP A 223 7.15 13.67 19.00
CA ASP A 223 6.01 13.44 19.89
C ASP A 223 6.15 12.08 20.56
N PHE A 224 6.27 12.07 21.89
CA PHE A 224 6.38 10.81 22.65
C PHE A 224 5.23 10.60 23.66
N SER A 225 4.73 9.37 23.75
CA SER A 225 3.65 9.05 24.69
C SER A 225 4.01 7.87 25.56
N ASP A 226 3.32 7.78 26.69
CA ASP A 226 3.38 6.64 27.58
C ASP A 226 2.48 5.55 27.02
N VAL A 227 2.99 4.33 26.91
CA VAL A 227 2.21 3.19 26.42
C VAL A 227 0.89 3.01 27.20
N ARG A 228 0.88 3.37 28.49
CA ARG A 228 -0.33 3.27 29.28
C ARG A 228 -1.41 4.25 28.78
N ASP A 229 -1.00 5.45 28.39
CA ASP A 229 -1.91 6.43 27.80
C ASP A 229 -2.41 5.96 26.44
N VAL A 230 -1.52 5.37 25.66
CA VAL A 230 -1.88 4.94 24.31
C VAL A 230 -2.94 3.83 24.38
N THR A 231 -2.74 2.85 25.25
CA THR A 231 -3.69 1.75 25.34
C THR A 231 -5.01 2.22 25.98
N ALA A 232 -4.95 3.23 26.87
CA ALA A 232 -6.18 3.81 27.40
C ALA A 232 -7.01 4.43 26.26
N ALA A 233 -6.33 5.09 25.34
CA ALA A 233 -6.97 5.66 24.15
C ALA A 233 -7.55 4.57 23.23
N TYR A 234 -6.79 3.49 23.05
CA TYR A 234 -7.24 2.35 22.28
C TYR A 234 -8.55 1.80 22.86
N LEU A 235 -8.62 1.68 24.18
CA LEU A 235 -9.83 1.18 24.82
C LEU A 235 -11.01 2.12 24.56
N LYS A 236 -10.76 3.43 24.64
CA LYS A 236 -11.81 4.41 24.37
C LYS A 236 -12.32 4.30 22.94
N LEU A 237 -11.41 4.02 22.00
CA LEU A 237 -11.82 3.80 20.62
C LEU A 237 -12.66 2.53 20.47
N ILE A 238 -12.29 1.49 21.20
CA ILE A 238 -13.09 0.28 21.25
C ILE A 238 -14.51 0.59 21.75
N GLU A 239 -14.61 1.30 22.87
CA GLU A 239 -15.91 1.55 23.50
C GLU A 239 -16.81 2.42 22.61
N ALA A 240 -16.22 3.40 21.95
CA ALA A 240 -16.98 4.30 21.09
C ALA A 240 -17.26 3.68 19.72
N ALA A 241 -16.39 2.75 19.31
CA ALA A 241 -16.50 2.07 18.02
C ALA A 241 -16.86 2.98 16.82
N PRO A 242 -16.08 4.05 16.55
CA PRO A 242 -16.42 4.89 15.39
C PRO A 242 -15.97 4.27 14.06
N ALA A 243 -16.75 3.33 13.56
CA ALA A 243 -16.44 2.57 12.36
C ALA A 243 -16.08 3.47 11.18
N GLY A 244 -15.01 3.13 10.46
CA GLY A 244 -14.64 3.85 9.26
C GLY A 244 -13.73 5.04 9.48
N GLU A 245 -13.35 5.26 10.74
CA GLU A 245 -12.59 6.46 11.09
C GLU A 245 -11.15 6.16 11.52
N THR A 246 -10.24 7.05 11.14
CA THR A 246 -8.81 6.94 11.47
C THR A 246 -8.43 8.00 12.50
N PHE A 247 -7.63 7.64 13.50
CA PHE A 247 -7.28 8.57 14.58
C PHE A 247 -5.80 8.59 14.91
N ASN A 248 -5.20 9.78 14.89
CA ASN A 248 -3.90 9.97 15.54
C ASN A 248 -4.03 9.63 17.04
N VAL A 249 -3.03 8.95 17.59
CA VAL A 249 -2.92 8.80 19.04
C VAL A 249 -1.54 9.33 19.41
N CYS A 250 -1.52 10.42 20.18
CA CYS A 250 -0.27 11.17 20.42
C CYS A 250 -0.44 12.11 21.61
N SER A 251 0.68 12.66 22.10
CA SER A 251 0.68 13.48 23.30
C SER A 251 0.45 14.95 22.95
N GLU A 252 0.70 15.28 21.69
CA GLU A 252 0.66 16.67 21.18
C GLU A 252 1.82 17.49 21.76
N ARG A 253 2.76 16.85 22.41
CA ARG A 253 3.96 17.57 22.83
C ARG A 253 5.20 16.97 22.18
N ALA A 254 6.05 17.84 21.65
CA ALA A 254 7.29 17.43 21.00
C ALA A 254 8.49 17.72 21.89
N TYR A 255 9.31 16.71 22.12
CA TYR A 255 10.53 16.85 22.91
C TYR A 255 11.79 16.60 22.05
N SER A 256 12.80 17.45 22.21
CA SER A 256 14.09 17.20 21.59
C SER A 256 14.86 16.16 22.39
N LEU A 257 15.86 15.55 21.79
CA LEU A 257 16.71 14.60 22.51
C LEU A 257 17.44 15.28 23.67
N LYS A 258 17.73 16.57 23.49
CA LYS A 258 18.36 17.38 24.52
C LYS A 258 17.45 17.51 25.76
N GLU A 259 16.16 17.71 25.53
CA GLU A 259 15.19 17.78 26.63
C GLU A 259 15.07 16.44 27.34
N VAL A 260 15.10 15.35 26.58
CA VAL A 260 14.97 14.02 27.15
C VAL A 260 16.22 13.71 27.97
N LEU A 261 17.39 13.99 27.41
CA LEU A 261 18.64 13.83 28.14
C LEU A 261 18.62 14.62 29.44
N ALA A 262 18.13 15.86 29.39
CA ALA A 262 18.11 16.70 30.59
C ALA A 262 17.22 16.09 31.67
N MET A 263 16.10 15.49 31.27
CA MET A 263 15.18 14.83 32.20
C MET A 263 15.84 13.63 32.89
N LEU A 264 16.58 12.86 32.11
CA LEU A 264 17.21 11.67 32.62
C LEU A 264 18.39 12.04 33.50
N SER A 265 19.10 13.11 33.14
CA SER A 265 20.18 13.62 33.97
C SER A 265 19.66 14.00 35.35
N ARG A 266 18.50 14.64 35.39
CA ARG A 266 17.90 15.04 36.67
C ARG A 266 17.50 13.82 37.47
N ILE A 267 16.98 12.79 36.77
CA ILE A 267 16.55 11.56 37.41
C ILE A 267 17.73 10.73 37.95
N ALA A 268 18.77 10.59 37.11
CA ALA A 268 19.92 9.77 37.45
C ALA A 268 20.96 10.50 38.30
N GLY A 269 20.95 11.83 38.24
CA GLY A 269 21.84 12.62 39.05
C GLY A 269 23.21 12.84 38.42
N TYR A 270 23.31 12.63 37.11
CA TYR A 270 24.56 12.91 36.40
C TYR A 270 24.25 13.15 34.91
N VAL A 271 25.20 13.74 34.21
CA VAL A 271 25.00 14.06 32.80
C VAL A 271 25.81 13.08 31.96
N ILE A 272 25.14 12.30 31.14
CA ILE A 272 25.84 11.33 30.32
C ILE A 272 26.60 12.08 29.22
N ASP A 273 27.76 11.55 28.83
CA ASP A 273 28.52 12.20 27.78
C ASP A 273 27.99 11.70 26.43
N VAL A 274 27.76 12.63 25.50
CA VAL A 274 27.19 12.30 24.20
C VAL A 274 28.17 12.47 23.04
N THR A 275 28.25 11.46 22.19
CA THR A 275 29.00 11.48 20.92
C THR A 275 28.00 11.54 19.77
N ILE A 276 28.27 12.37 18.78
CA ILE A 276 27.38 12.43 17.63
C ILE A 276 27.91 11.50 16.54
N ASP A 277 27.17 10.41 16.33
CA ASP A 277 27.49 9.42 15.30
C ASP A 277 26.75 9.77 14.01
N PRO A 278 27.50 9.90 12.90
CA PRO A 278 26.90 10.15 11.58
C PRO A 278 25.90 9.07 11.16
N ARG A 279 26.09 7.85 11.65
CA ARG A 279 25.19 6.74 11.35
C ARG A 279 23.76 7.03 11.78
N PHE A 280 23.59 7.88 12.79
CA PHE A 280 22.25 8.22 13.30
C PHE A 280 21.76 9.57 12.79
N VAL A 281 22.62 10.30 12.07
CA VAL A 281 22.25 11.63 11.60
C VAL A 281 21.65 11.62 10.20
N ARG A 282 20.39 12.03 10.09
CA ARG A 282 19.70 12.12 8.82
C ARG A 282 19.70 13.56 8.32
N HIS A 283 20.26 13.79 7.12
CA HIS A 283 20.51 15.13 6.61
C HIS A 283 19.23 15.95 6.39
N ASN A 284 18.18 15.30 5.91
CA ASN A 284 16.95 16.01 5.55
C ASN A 284 15.88 15.99 6.64
N GLU A 285 16.23 15.49 7.82
CA GLU A 285 15.27 15.35 8.92
C GLU A 285 14.71 16.69 9.40
N VAL A 286 13.38 16.77 9.43
CA VAL A 286 12.66 17.94 9.90
C VAL A 286 12.96 18.17 11.40
N LYS A 287 13.13 19.43 11.80
CA LYS A 287 13.49 19.75 13.19
C LYS A 287 12.40 19.45 14.21
N SER A 288 11.14 19.69 13.84
CA SER A 288 10.04 19.40 14.74
C SER A 288 8.84 18.83 13.99
N LEU A 289 8.30 17.77 14.57
CA LEU A 289 7.15 17.05 14.04
C LEU A 289 6.36 16.47 15.20
N SER A 290 5.09 16.81 15.29
CA SER A 290 4.26 16.26 16.37
C SER A 290 2.85 16.03 15.86
N GLY A 291 2.03 15.39 16.66
CA GLY A 291 0.68 15.06 16.24
C GLY A 291 -0.39 15.88 16.92
N SER A 292 -1.51 16.04 16.23
CA SER A 292 -2.73 16.54 16.86
C SER A 292 -3.68 15.39 17.15
N ARG A 293 -4.16 15.30 18.40
CA ARG A 293 -5.16 14.29 18.75
C ARG A 293 -6.54 14.96 18.91
N ASP A 294 -6.73 16.09 18.25
CA ASP A 294 -7.99 16.80 18.36
C ASP A 294 -9.18 15.98 17.84
N LYS A 295 -8.97 15.19 16.80
CA LYS A 295 -10.06 14.37 16.30
C LYS A 295 -10.46 13.30 17.34
N LEU A 296 -9.46 12.66 17.93
CA LEU A 296 -9.68 11.71 19.01
C LEU A 296 -10.41 12.36 20.19
N ARG A 297 -9.95 13.54 20.58
CA ARG A 297 -10.53 14.25 21.71
C ARG A 297 -12.02 14.52 21.47
N ARG A 298 -12.35 14.95 20.27
CA ARG A 298 -13.75 15.24 19.95
C ARG A 298 -14.60 13.98 19.93
N ALA A 299 -13.98 12.83 19.69
CA ALA A 299 -14.72 11.56 19.60
C ALA A 299 -14.91 10.86 20.95
N VAL A 300 -13.90 10.92 21.81
CA VAL A 300 -13.95 10.18 23.07
C VAL A 300 -13.76 11.06 24.31
N GLY A 301 -13.51 12.34 24.09
CA GLY A 301 -13.37 13.30 25.19
C GLY A 301 -11.93 13.40 25.66
N GLU A 302 -11.71 14.19 26.71
CA GLU A 302 -10.37 14.45 27.23
C GLU A 302 -9.76 13.19 27.84
N LEU A 303 -8.45 13.02 27.69
CA LEU A 303 -7.78 11.92 28.33
C LEU A 303 -6.53 12.49 28.99
N PRO A 304 -6.25 12.04 30.23
CA PRO A 304 -5.07 12.49 30.96
C PRO A 304 -3.81 12.12 30.20
N VAL A 305 -2.83 13.03 30.18
CA VAL A 305 -1.53 12.76 29.58
C VAL A 305 -0.44 12.67 30.62
N THR A 306 0.14 11.48 30.74
CA THR A 306 1.21 11.26 31.70
C THR A 306 2.43 12.04 31.22
N PRO A 307 3.02 12.85 32.11
CA PRO A 307 4.23 13.61 31.77
C PRO A 307 5.36 12.68 31.38
N LEU A 308 6.12 13.03 30.35
CA LEU A 308 7.20 12.14 29.91
C LEU A 308 8.22 11.88 31.03
N ASP A 309 8.50 12.88 31.86
CA ASP A 309 9.51 12.67 32.90
C ASP A 309 9.02 11.60 33.91
N GLU A 310 7.71 11.54 34.14
CA GLU A 310 7.14 10.45 34.95
C GLU A 310 7.33 9.10 34.24
N THR A 311 7.03 9.06 32.95
CA THR A 311 7.26 7.87 32.14
C THR A 311 8.71 7.40 32.23
N LEU A 312 9.64 8.34 32.09
CA LEU A 312 11.05 8.00 32.08
C LEU A 312 11.51 7.52 33.46
N ARG A 313 10.98 8.12 34.52
CA ARG A 313 11.36 7.71 35.88
C ARG A 313 10.84 6.31 36.14
N TRP A 314 9.63 6.06 35.69
CA TRP A 314 9.00 4.75 35.74
C TRP A 314 9.92 3.70 35.13
N MET A 315 10.44 4.00 33.93
CA MET A 315 11.33 3.07 33.20
C MET A 315 12.70 2.91 33.89
N VAL A 316 13.29 4.01 34.35
CA VAL A 316 14.57 3.94 35.04
C VAL A 316 14.44 3.08 36.31
N ASP A 317 13.40 3.36 37.09
CA ASP A 317 13.16 2.62 38.32
C ASP A 317 12.99 1.13 38.05
N ALA A 318 12.27 0.79 37.00
CA ALA A 318 12.05 -0.61 36.67
C ALA A 318 13.37 -1.27 36.28
N MET A 319 14.21 -0.53 35.55
CA MET A 319 15.51 -1.08 35.14
C MET A 319 16.42 -1.37 36.33
N ARG A 320 16.42 -0.48 37.32
CA ARG A 320 17.28 -0.60 38.48
C ARG A 320 16.77 -1.66 39.45
N ALA A 321 15.44 -1.80 39.53
CA ALA A 321 14.82 -2.80 40.40
C ALA A 321 14.99 -4.23 39.88
N ALA A 322 15.30 -4.37 38.59
CA ALA A 322 15.41 -5.68 37.96
C ALA A 322 16.50 -6.56 38.58
N GLY B 15 22.95 -0.83 -37.70
CA GLY B 15 22.87 -2.12 -37.03
C GLY B 15 21.95 -2.07 -35.82
N ARG B 16 22.06 -3.09 -34.97
CA ARG B 16 21.27 -3.19 -33.74
C ARG B 16 21.56 -1.99 -32.82
N PRO B 17 20.50 -1.24 -32.47
CA PRO B 17 20.64 0.03 -31.72
C PRO B 17 21.39 -0.13 -30.40
N SER B 18 22.25 0.83 -30.09
CA SER B 18 22.99 0.85 -28.83
C SER B 18 22.13 1.27 -27.61
N ARG B 19 21.16 2.15 -27.84
CA ARG B 19 20.28 2.61 -26.75
C ARG B 19 19.21 1.57 -26.43
N ARG B 20 19.14 1.17 -25.16
CA ARG B 20 18.31 0.03 -24.81
C ARG B 20 17.15 0.40 -23.91
N ALA B 21 16.04 -0.30 -24.12
CA ALA B 21 14.90 -0.24 -23.23
C ALA B 21 14.71 -1.60 -22.61
N PHE B 22 14.16 -1.63 -21.40
CA PHE B 22 13.90 -2.86 -20.66
C PHE B 22 12.46 -2.81 -20.20
N VAL B 23 11.65 -3.76 -20.66
CA VAL B 23 10.22 -3.76 -20.42
C VAL B 23 9.80 -5.04 -19.71
N THR B 24 9.32 -4.94 -18.48
CA THR B 24 8.80 -6.12 -17.82
C THR B 24 7.44 -6.43 -18.44
N GLY B 25 7.09 -7.71 -18.51
CA GLY B 25 5.83 -8.15 -19.10
C GLY B 25 5.77 -7.81 -20.58
N LEU B 26 6.92 -7.89 -21.24
CA LEU B 26 7.04 -7.45 -22.63
C LEU B 26 6.07 -8.14 -23.58
N THR B 27 5.74 -9.41 -23.32
CA THR B 27 4.91 -10.15 -24.27
C THR B 27 3.42 -10.10 -23.97
N GLY B 28 3.00 -9.35 -22.95
CA GLY B 28 1.57 -9.20 -22.72
C GLY B 28 0.98 -8.22 -23.74
N PHE B 29 -0.31 -7.99 -23.64
CA PHE B 29 -1.03 -7.10 -24.56
C PHE B 29 -0.39 -5.72 -24.67
N THR B 30 -0.18 -5.04 -23.54
CA THR B 30 0.38 -3.70 -23.54
C THR B 30 1.83 -3.73 -24.02
N GLY B 31 2.57 -4.74 -23.58
CA GLY B 31 3.96 -4.89 -23.96
C GLY B 31 4.21 -4.98 -25.45
N ARG B 32 3.33 -5.69 -26.16
CA ARG B 32 3.48 -5.83 -27.60
C ARG B 32 3.44 -4.46 -28.26
N TYR B 33 2.48 -3.64 -27.86
CA TYR B 33 2.40 -2.28 -28.39
C TYR B 33 3.54 -1.39 -27.90
N MET B 34 3.97 -1.56 -26.65
CA MET B 34 5.08 -0.78 -26.14
C MET B 34 6.39 -1.10 -26.89
N ALA B 35 6.57 -2.37 -27.25
CA ALA B 35 7.75 -2.81 -28.00
C ALA B 35 7.83 -2.10 -29.34
N GLU B 36 6.72 -2.11 -30.06
CA GLU B 36 6.59 -1.45 -31.35
C GLU B 36 6.88 0.06 -31.23
N ARG B 37 6.30 0.69 -30.21
CA ARG B 37 6.51 2.11 -29.94
C ARG B 37 8.00 2.42 -29.70
N LEU B 38 8.63 1.66 -28.81
CA LEU B 38 10.03 1.87 -28.47
C LEU B 38 10.98 1.62 -29.65
N GLN B 39 10.71 0.56 -30.40
CA GLN B 39 11.50 0.23 -31.59
C GLN B 39 11.40 1.35 -32.60
N ALA B 40 10.21 1.92 -32.73
CA ALA B 40 10.02 3.02 -33.67
C ALA B 40 10.77 4.27 -33.22
N ALA B 41 11.01 4.38 -31.91
CA ALA B 41 11.77 5.49 -31.35
C ALA B 41 13.29 5.20 -31.36
N GLY B 42 13.68 4.03 -31.84
CA GLY B 42 15.10 3.74 -32.02
C GLY B 42 15.78 2.95 -30.91
N TYR B 43 15.00 2.38 -30.01
CA TYR B 43 15.56 1.58 -28.91
C TYR B 43 15.81 0.12 -29.31
N ASP B 44 16.83 -0.48 -28.70
CA ASP B 44 16.99 -1.93 -28.70
C ASP B 44 16.11 -2.45 -27.56
N VAL B 45 15.04 -3.17 -27.88
CA VAL B 45 14.05 -3.53 -26.86
C VAL B 45 14.36 -4.88 -26.21
N TRP B 46 14.62 -4.84 -24.90
CA TRP B 46 14.77 -6.03 -24.06
C TRP B 46 13.57 -6.15 -23.13
N GLY B 47 13.31 -7.35 -22.60
CA GLY B 47 12.20 -7.49 -21.69
C GLY B 47 12.14 -8.83 -21.04
N THR B 48 11.25 -8.98 -20.06
CA THR B 48 11.12 -10.23 -19.34
C THR B 48 9.94 -11.06 -19.82
N VAL B 49 10.09 -12.38 -19.72
CA VAL B 49 9.01 -13.33 -19.94
C VAL B 49 9.05 -14.29 -18.77
N ALA B 50 7.95 -15.00 -18.53
CA ALA B 50 7.89 -16.00 -17.46
C ALA B 50 8.71 -17.22 -17.81
N PRO B 51 9.53 -17.71 -16.85
CA PRO B 51 10.25 -18.95 -17.10
C PRO B 51 9.29 -20.09 -17.42
N GLY B 52 9.65 -20.94 -18.36
CA GLY B 52 8.88 -22.15 -18.60
C GLY B 52 7.60 -21.96 -19.40
N THR B 53 7.33 -20.73 -19.82
CA THR B 53 6.21 -20.50 -20.73
C THR B 53 6.72 -20.63 -22.17
N PRO B 54 5.82 -21.06 -23.08
CA PRO B 54 6.20 -21.18 -24.49
C PRO B 54 6.68 -19.86 -25.07
N ARG B 55 7.60 -19.91 -26.02
CA ARG B 55 8.04 -18.70 -26.72
C ARG B 55 6.86 -18.02 -27.42
N PRO B 56 6.91 -16.69 -27.55
CA PRO B 56 5.86 -15.96 -28.29
C PRO B 56 5.96 -16.19 -29.80
N ALA B 57 4.81 -16.33 -30.45
CA ALA B 57 4.78 -16.58 -31.89
C ALA B 57 4.64 -15.28 -32.68
N ASP B 58 4.10 -14.26 -32.02
CA ASP B 58 3.89 -12.94 -32.63
C ASP B 58 5.16 -12.36 -33.24
N PRO B 59 5.11 -11.99 -34.52
CA PRO B 59 6.28 -11.40 -35.20
C PRO B 59 6.72 -10.05 -34.63
N ALA B 60 5.86 -9.41 -33.85
CA ALA B 60 6.20 -8.12 -33.24
C ALA B 60 7.38 -8.25 -32.27
N PHE B 61 7.66 -9.46 -31.82
CA PHE B 61 8.73 -9.69 -30.85
C PHE B 61 10.01 -10.20 -31.47
N ALA B 62 10.07 -10.18 -32.79
CA ALA B 62 11.17 -10.80 -33.51
C ALA B 62 12.52 -10.16 -33.21
N GLN B 63 12.53 -8.84 -33.00
CA GLN B 63 13.77 -8.13 -32.72
C GLN B 63 13.90 -7.77 -31.24
N CYS B 64 13.10 -8.42 -30.40
CA CYS B 64 13.19 -8.19 -28.97
C CYS B 64 14.06 -9.25 -28.30
N THR B 65 14.83 -8.84 -27.30
CA THR B 65 15.62 -9.78 -26.50
C THR B 65 14.80 -10.15 -25.27
N LEU B 66 14.42 -11.42 -25.18
CA LEU B 66 13.52 -11.89 -24.13
C LEU B 66 14.27 -12.64 -23.06
N LEU B 67 14.23 -12.11 -21.85
CA LEU B 67 14.93 -12.72 -20.73
C LEU B 67 13.92 -13.36 -19.77
N PRO B 68 13.99 -14.69 -19.60
CA PRO B 68 13.07 -15.39 -18.69
C PRO B 68 13.39 -15.04 -17.25
N VAL B 69 12.52 -14.27 -16.61
CA VAL B 69 12.74 -13.82 -15.25
C VAL B 69 11.44 -13.84 -14.46
N ASP B 70 11.43 -14.49 -13.30
CA ASP B 70 10.33 -14.31 -12.35
C ASP B 70 10.63 -13.08 -11.49
N LEU B 71 9.71 -12.10 -11.48
CA LEU B 71 9.89 -10.84 -10.74
C LEU B 71 10.21 -11.05 -9.27
N LEU B 72 9.71 -12.14 -8.70
CA LEU B 72 9.96 -12.47 -7.31
C LEU B 72 11.34 -13.06 -7.12
N ASP B 73 12.03 -13.30 -8.23
CA ASP B 73 13.40 -13.85 -8.15
C ASP B 73 14.37 -12.68 -8.17
N ALA B 74 14.71 -12.16 -7.00
CA ALA B 74 15.44 -10.89 -6.92
C ALA B 74 16.77 -10.94 -7.65
N GLU B 75 17.49 -12.05 -7.48
CA GLU B 75 18.81 -12.28 -8.08
C GLU B 75 18.77 -12.41 -9.59
N ALA B 76 17.77 -13.13 -10.10
CA ALA B 76 17.60 -13.26 -11.54
C ALA B 76 17.26 -11.89 -12.16
N MET B 77 16.52 -11.09 -11.42
CA MET B 77 16.19 -9.73 -11.89
CA MET B 77 16.20 -9.74 -11.90
C MET B 77 17.46 -8.86 -11.91
N ARG B 78 18.26 -8.99 -10.86
CA ARG B 78 19.51 -8.24 -10.78
C ARG B 78 20.39 -8.60 -11.98
N ALA B 79 20.55 -9.90 -12.24
CA ALA B 79 21.37 -10.38 -13.35
C ALA B 79 20.82 -9.93 -14.72
N ALA B 80 19.49 -9.98 -14.88
CA ALA B 80 18.85 -9.52 -16.12
C ALA B 80 19.10 -8.04 -16.38
N ALA B 81 18.95 -7.22 -15.34
CA ALA B 81 19.17 -5.79 -15.46
C ALA B 81 20.63 -5.46 -15.77
N ALA B 82 21.59 -6.13 -15.12
CA ALA B 82 23.00 -5.82 -15.34
C ALA B 82 23.40 -6.16 -16.78
N ASP B 83 22.74 -7.16 -17.34
CA ASP B 83 22.98 -7.58 -18.70
C ASP B 83 22.28 -6.63 -19.68
N ALA B 84 21.01 -6.31 -19.39
CA ALA B 84 20.21 -5.44 -20.28
C ALA B 84 20.76 -4.02 -20.30
N ARG B 85 21.22 -3.54 -19.15
CA ARG B 85 21.81 -2.20 -19.06
C ARG B 85 20.95 -1.09 -19.69
N PRO B 86 19.66 -1.04 -19.36
CA PRO B 86 18.76 -0.13 -20.09
C PRO B 86 18.94 1.35 -19.81
N ASP B 87 18.68 2.20 -20.80
CA ASP B 87 18.54 3.64 -20.60
CA ASP B 87 18.56 3.62 -20.49
C ASP B 87 17.12 3.96 -20.12
N ALA B 88 16.17 3.18 -20.61
CA ALA B 88 14.76 3.39 -20.36
C ALA B 88 14.13 2.10 -19.84
N VAL B 89 13.28 2.21 -18.83
CA VAL B 89 12.61 1.03 -18.27
C VAL B 89 11.09 1.26 -18.25
N VAL B 90 10.32 0.25 -18.67
CA VAL B 90 8.88 0.31 -18.54
C VAL B 90 8.41 -0.90 -17.76
N HIS B 91 7.79 -0.65 -16.63
CA HIS B 91 7.35 -1.74 -15.79
C HIS B 91 5.85 -2.02 -16.00
N LEU B 92 5.55 -3.05 -16.78
CA LEU B 92 4.16 -3.39 -17.14
C LEU B 92 3.69 -4.65 -16.43
N ALA B 93 4.65 -5.46 -15.98
CA ALA B 93 4.33 -6.75 -15.39
C ALA B 93 3.56 -6.57 -14.08
N ALA B 94 2.45 -7.28 -13.95
CA ALA B 94 1.65 -7.28 -12.72
C ALA B 94 0.87 -8.58 -12.62
N ARG B 95 0.25 -8.82 -11.46
CA ARG B 95 -0.68 -9.94 -11.27
C ARG B 95 -2.10 -9.43 -11.10
N ALA B 96 -3.03 -9.98 -11.89
CA ALA B 96 -4.49 -9.92 -11.67
C ALA B 96 -5.10 -8.61 -12.13
N GLU B 102 -5.16 -15.53 -5.68
CA GLU B 102 -4.86 -15.38 -4.25
C GLU B 102 -4.28 -13.99 -3.98
N PRO B 103 -4.90 -13.25 -3.04
CA PRO B 103 -4.45 -11.90 -2.71
C PRO B 103 -2.97 -11.83 -2.31
N SER B 104 -2.48 -12.83 -1.59
CA SER B 104 -1.09 -12.78 -1.15
C SER B 104 -0.13 -12.66 -2.34
N GLN B 105 -0.42 -13.38 -3.43
CA GLN B 105 0.45 -13.31 -4.60
C GLN B 105 0.29 -11.98 -5.33
N THR B 106 -0.92 -11.42 -5.30
CA THR B 106 -1.18 -10.10 -5.90
C THR B 106 -0.36 -9.00 -5.23
N TYR B 107 -0.35 -8.98 -3.90
CA TYR B 107 0.48 -8.04 -3.16
C TYR B 107 1.97 -8.30 -3.34
N ALA B 108 2.39 -9.56 -3.29
CA ALA B 108 3.81 -9.90 -3.49
C ALA B 108 4.31 -9.46 -4.86
N VAL B 109 3.62 -9.86 -5.92
CA VAL B 109 4.07 -9.55 -7.27
C VAL B 109 4.08 -8.03 -7.51
N ASN B 110 3.00 -7.34 -7.16
CA ASN B 110 2.91 -5.93 -7.47
C ASN B 110 3.76 -5.06 -6.56
N ILE B 111 3.95 -5.47 -5.32
CA ILE B 111 4.80 -4.65 -4.45
C ILE B 111 6.26 -5.12 -4.46
N VAL B 112 6.50 -6.37 -4.04
CA VAL B 112 7.85 -6.86 -3.90
C VAL B 112 8.49 -7.06 -5.28
N GLY B 113 7.70 -7.50 -6.26
CA GLY B 113 8.17 -7.69 -7.62
C GLY B 113 8.70 -6.37 -8.18
N THR B 114 7.94 -5.31 -7.94
CA THR B 114 8.36 -3.98 -8.36
C THR B 114 9.61 -3.55 -7.61
N ARG B 115 9.64 -3.79 -6.30
CA ARG B 115 10.80 -3.46 -5.49
C ARG B 115 12.06 -4.16 -5.99
N ASN B 116 11.93 -5.44 -6.35
CA ASN B 116 13.06 -6.21 -6.89
C ASN B 116 13.59 -5.58 -8.18
N LEU B 117 12.67 -5.12 -9.02
CA LEU B 117 13.09 -4.40 -10.23
C LEU B 117 13.90 -3.15 -9.89
N LEU B 118 13.36 -2.34 -8.99
CA LEU B 118 13.99 -1.08 -8.61
C LEU B 118 15.35 -1.34 -7.95
N ALA B 119 15.45 -2.34 -7.07
CA ALA B 119 16.73 -2.65 -6.44
C ALA B 119 17.75 -3.07 -7.50
N ALA B 120 17.29 -3.85 -8.47
CA ALA B 120 18.17 -4.29 -9.57
C ALA B 120 18.72 -3.10 -10.36
N LEU B 121 17.86 -2.15 -10.71
CA LEU B 121 18.27 -0.99 -11.50
C LEU B 121 19.19 -0.07 -10.70
N SER B 122 18.88 0.08 -9.41
CA SER B 122 19.63 0.97 -8.55
C SER B 122 21.06 0.47 -8.34
N GLY B 123 21.26 -0.84 -8.41
CA GLY B 123 22.59 -1.40 -8.20
C GLY B 123 23.47 -1.35 -9.44
N LEU B 124 22.94 -0.89 -10.57
CA LEU B 124 23.74 -0.82 -11.80
C LEU B 124 24.81 0.26 -11.71
N ASP B 125 25.93 0.04 -12.41
CA ASP B 125 26.95 1.08 -12.54
C ASP B 125 26.40 2.30 -13.25
N ARG B 126 25.62 2.06 -14.31
CA ARG B 126 24.97 3.16 -15.00
C ARG B 126 23.48 2.99 -14.83
N ARG B 127 22.86 3.93 -14.13
CA ARG B 127 21.45 3.80 -13.86
C ARG B 127 20.64 4.37 -15.03
N PRO B 128 19.45 3.81 -15.26
CA PRO B 128 18.64 4.28 -16.38
C PRO B 128 18.27 5.76 -16.23
N SER B 129 18.04 6.45 -17.35
CA SER B 129 17.63 7.85 -17.25
CA SER B 129 17.62 7.85 -17.34
C SER B 129 16.11 8.00 -17.11
N ALA B 130 15.37 6.90 -17.25
CA ALA B 130 13.92 6.99 -17.06
C ALA B 130 13.35 5.64 -16.65
N VAL B 131 12.57 5.63 -15.56
CA VAL B 131 11.91 4.43 -15.10
C VAL B 131 10.42 4.70 -15.01
N LEU B 132 9.66 4.13 -15.94
CA LEU B 132 8.23 4.38 -16.00
C LEU B 132 7.48 3.20 -15.38
N LEU B 133 6.72 3.45 -14.32
CA LEU B 133 5.94 2.37 -13.72
C LEU B 133 4.47 2.48 -14.09
N ALA B 134 3.88 1.37 -14.55
CA ALA B 134 2.46 1.40 -14.83
C ALA B 134 1.70 1.09 -13.56
N SER B 135 1.12 2.12 -12.96
CA SER B 135 0.14 1.92 -11.90
C SER B 135 -1.21 1.74 -12.60
N SER B 136 -2.28 2.22 -11.99
CA SER B 136 -3.62 2.09 -12.58
C SER B 136 -4.56 3.15 -12.01
N ALA B 137 -5.48 3.64 -12.81
CA ALA B 137 -6.52 4.55 -12.31
C ALA B 137 -7.49 3.84 -11.34
N ASN B 138 -7.43 2.51 -11.26
CA ASN B 138 -8.29 1.81 -10.29
C ASN B 138 -7.92 2.21 -8.86
N ILE B 139 -6.77 2.86 -8.67
CA ILE B 139 -6.42 3.33 -7.32
C ILE B 139 -7.42 4.39 -6.85
N TYR B 140 -8.10 5.07 -7.78
CA TYR B 140 -9.11 6.07 -7.41
C TYR B 140 -10.41 5.46 -6.91
N GLY B 141 -10.65 4.19 -7.25
CA GLY B 141 -11.86 3.51 -6.83
C GLY B 141 -13.10 4.09 -7.47
N ASN B 142 -14.22 3.99 -6.76
CA ASN B 142 -15.51 4.44 -7.25
C ASN B 142 -15.78 5.89 -6.88
N SER B 143 -14.95 6.81 -7.39
CA SER B 143 -15.02 8.22 -7.03
C SER B 143 -16.22 8.93 -7.64
N THR B 144 -16.83 9.82 -6.86
CA THR B 144 -17.99 10.55 -7.33
C THR B 144 -17.60 11.91 -7.92
N ALA B 145 -16.31 12.15 -8.06
CA ALA B 145 -15.82 13.47 -8.43
C ALA B 145 -16.03 13.80 -9.89
N GLY B 146 -16.62 12.87 -10.65
CA GLY B 146 -16.84 13.08 -12.08
C GLY B 146 -15.57 13.00 -12.92
N VAL B 147 -14.78 14.07 -12.95
CA VAL B 147 -13.51 14.08 -13.67
C VAL B 147 -12.33 14.05 -12.68
N LEU B 148 -11.54 12.96 -12.70
CA LEU B 148 -10.48 12.79 -11.70
C LEU B 148 -9.12 13.29 -12.17
N ASP B 149 -8.48 14.15 -11.37
CA ASP B 149 -7.08 14.51 -11.60
C ASP B 149 -6.21 13.85 -10.55
N GLU B 150 -4.91 14.11 -10.60
CA GLU B 150 -3.97 13.38 -9.75
C GLU B 150 -4.03 13.79 -8.27
N THR B 151 -4.79 14.83 -7.96
CA THR B 151 -4.91 15.28 -6.58
C THR B 151 -6.07 14.63 -5.84
N VAL B 152 -6.86 13.84 -6.57
CA VAL B 152 -8.00 13.17 -5.95
C VAL B 152 -7.52 12.06 -5.01
N ALA B 153 -8.06 12.03 -3.81
CA ALA B 153 -7.62 11.05 -2.80
C ALA B 153 -7.89 9.63 -3.26
N PRO B 154 -6.91 8.73 -3.13
CA PRO B 154 -7.16 7.35 -3.54
C PRO B 154 -8.25 6.68 -2.71
N ALA B 155 -8.98 5.75 -3.33
CA ALA B 155 -9.91 4.90 -2.63
C ALA B 155 -10.01 3.55 -3.32
N PRO B 156 -8.90 2.80 -3.36
CA PRO B 156 -8.87 1.54 -4.11
C PRO B 156 -9.94 0.58 -3.60
N ALA B 157 -10.66 -0.10 -4.49
CA ALA B 157 -11.84 -0.84 -4.08
C ALA B 157 -11.68 -2.36 -4.15
N ASN B 158 -10.49 -2.84 -4.47
CA ASN B 158 -10.19 -4.26 -4.32
C ASN B 158 -8.70 -4.41 -4.04
N ASP B 159 -8.29 -5.64 -3.69
CA ASP B 159 -6.89 -5.89 -3.32
C ASP B 159 -5.95 -5.56 -4.46
N TYR B 160 -6.38 -5.83 -5.69
CA TYR B 160 -5.55 -5.51 -6.84
C TYR B 160 -5.22 -4.02 -6.87
N ALA B 161 -6.23 -3.17 -6.76
CA ALA B 161 -6.06 -1.72 -6.75
C ALA B 161 -5.24 -1.27 -5.54
N VAL B 162 -5.47 -1.89 -4.37
CA VAL B 162 -4.66 -1.55 -3.20
C VAL B 162 -3.18 -1.86 -3.50
N SER B 163 -2.92 -3.00 -4.13
CA SER B 163 -1.53 -3.41 -4.41
C SER B 163 -0.85 -2.45 -5.38
N LYS B 164 -1.62 -1.90 -6.31
CA LYS B 164 -1.08 -0.92 -7.26
C LYS B 164 -0.72 0.38 -6.54
N LEU B 165 -1.61 0.82 -5.63
CA LEU B 165 -1.33 2.02 -4.82
C LEU B 165 -0.11 1.80 -3.92
N ALA B 166 -0.04 0.64 -3.29
CA ALA B 166 1.09 0.35 -2.42
C ALA B 166 2.38 0.32 -3.24
N MET B 167 2.28 -0.17 -4.47
CA MET B 167 3.42 -0.21 -5.37
CA MET B 167 3.43 -0.20 -5.38
C MET B 167 3.98 1.20 -5.60
N GLU B 168 3.07 2.17 -5.77
CA GLU B 168 3.48 3.54 -5.98
C GLU B 168 4.31 4.02 -4.80
N TYR B 169 3.80 3.77 -3.59
CA TYR B 169 4.48 4.24 -2.39
C TYR B 169 5.80 3.54 -2.15
N ALA B 170 5.84 2.24 -2.39
CA ALA B 170 7.07 1.47 -2.23
C ALA B 170 8.12 1.95 -3.26
N ALA B 171 7.67 2.31 -4.46
CA ALA B 171 8.60 2.80 -5.48
C ALA B 171 9.20 4.15 -5.12
N LYS B 172 8.41 5.02 -4.50
CA LYS B 172 8.91 6.35 -4.17
C LYS B 172 10.06 6.33 -3.18
N LEU B 173 10.24 5.22 -2.46
CA LEU B 173 11.39 5.06 -1.57
C LEU B 173 12.72 5.05 -2.32
N TRP B 174 12.63 4.82 -3.62
CA TRP B 174 13.82 4.71 -4.46
C TRP B 174 14.09 6.01 -5.24
N ALA B 175 13.34 7.06 -4.91
CA ALA B 175 13.39 8.31 -5.68
C ALA B 175 14.77 8.97 -5.63
N ASP B 176 15.54 8.70 -4.57
CA ASP B 176 16.87 9.31 -4.43
C ASP B 176 17.89 8.62 -5.33
N ARG B 177 17.53 7.46 -5.87
CA ARG B 177 18.46 6.66 -6.65
C ARG B 177 18.06 6.53 -8.12
N LEU B 178 16.77 6.72 -8.41
CA LEU B 178 16.25 6.47 -9.75
C LEU B 178 15.25 7.55 -10.17
N PRO B 179 15.27 7.92 -11.46
CA PRO B 179 14.27 8.83 -12.00
C PRO B 179 12.97 8.11 -12.35
N ILE B 180 12.01 8.17 -11.45
CA ILE B 180 10.82 7.31 -11.53
C ILE B 180 9.58 8.12 -11.87
N VAL B 181 8.89 7.70 -12.94
CA VAL B 181 7.63 8.32 -13.37
C VAL B 181 6.53 7.29 -13.21
N ILE B 182 5.41 7.70 -12.66
CA ILE B 182 4.31 6.77 -12.46
C ILE B 182 3.16 7.14 -13.40
N ALA B 183 2.63 6.17 -14.14
CA ALA B 183 1.46 6.39 -15.00
C ALA B 183 0.24 5.75 -14.36
N ARG B 184 -0.88 6.47 -14.33
CA ARG B 184 -2.15 5.87 -13.91
C ARG B 184 -3.09 5.76 -15.11
N PRO B 185 -2.91 4.71 -15.92
CA PRO B 185 -3.79 4.62 -17.10
C PRO B 185 -5.22 4.37 -16.70
N PHE B 186 -6.17 5.03 -17.36
CA PHE B 186 -7.57 4.63 -17.23
C PHE B 186 -7.79 3.43 -18.16
N ASN B 187 -9.03 3.01 -18.37
CA ASN B 187 -9.31 1.86 -19.24
C ASN B 187 -8.77 2.06 -20.65
N TYR B 188 -8.17 1.02 -21.20
CA TYR B 188 -7.73 1.08 -22.58
C TYR B 188 -7.80 -0.30 -23.21
N THR B 189 -7.84 -0.31 -24.54
CA THR B 189 -8.09 -1.53 -25.28
C THR B 189 -7.47 -1.44 -26.69
N GLY B 190 -7.60 -2.50 -27.46
CA GLY B 190 -7.05 -2.52 -28.80
C GLY B 190 -6.98 -3.94 -29.31
N VAL B 191 -6.46 -4.11 -30.52
CA VAL B 191 -6.40 -5.43 -31.13
C VAL B 191 -5.50 -6.35 -30.32
N GLY B 192 -6.02 -7.51 -29.94
CA GLY B 192 -5.24 -8.48 -29.21
C GLY B 192 -5.58 -8.58 -27.73
N GLN B 193 -6.35 -7.64 -27.19
CA GLN B 193 -6.75 -7.71 -25.80
C GLN B 193 -7.80 -8.83 -25.64
N SER B 194 -7.72 -9.59 -24.55
CA SER B 194 -8.60 -10.77 -24.40
C SER B 194 -10.06 -10.39 -24.19
N ASP B 195 -10.97 -11.31 -24.50
CA ASP B 195 -12.39 -11.00 -24.37
C ASP B 195 -12.86 -11.11 -22.93
N ALA B 196 -11.92 -11.27 -22.01
CA ALA B 196 -12.19 -11.12 -20.60
C ALA B 196 -12.49 -9.66 -20.27
N TYR B 197 -12.00 -8.76 -21.11
CA TYR B 197 -12.30 -7.34 -20.97
C TYR B 197 -13.58 -6.99 -21.72
N LEU B 198 -14.26 -5.95 -21.27
CA LEU B 198 -15.60 -5.62 -21.76
C LEU B 198 -15.68 -5.24 -23.24
N LEU B 199 -14.89 -4.24 -23.67
CA LEU B 199 -14.96 -3.78 -25.06
C LEU B 199 -14.56 -4.89 -26.05
N PRO B 200 -13.47 -5.64 -25.77
CA PRO B 200 -13.20 -6.79 -26.65
C PRO B 200 -14.34 -7.81 -26.71
N LYS B 201 -15.08 -7.97 -25.61
CA LYS B 201 -16.24 -8.85 -25.59
C LYS B 201 -17.32 -8.35 -26.55
N LEU B 202 -17.58 -7.05 -26.50
CA LEU B 202 -18.53 -6.41 -27.41
C LEU B 202 -18.09 -6.58 -28.86
N VAL B 203 -16.81 -6.28 -29.13
CA VAL B 203 -16.26 -6.37 -30.46
C VAL B 203 -16.38 -7.80 -31.01
N ALA B 204 -16.06 -8.78 -30.19
CA ALA B 204 -16.13 -10.17 -30.60
C ALA B 204 -17.53 -10.57 -31.06
N HIS B 205 -18.55 -10.11 -30.33
CA HIS B 205 -19.93 -10.39 -30.67
C HIS B 205 -20.34 -9.73 -31.97
N TYR B 206 -20.05 -8.44 -32.11
CA TYR B 206 -20.43 -7.72 -33.32
C TYR B 206 -19.67 -8.23 -34.54
N ALA B 207 -18.44 -8.68 -34.32
CA ALA B 207 -17.61 -9.18 -35.41
C ALA B 207 -18.17 -10.44 -36.05
N ARG B 208 -18.77 -11.30 -35.23
CA ARG B 208 -19.33 -12.57 -35.70
C ARG B 208 -20.84 -12.46 -35.88
N ASN B 209 -21.34 -11.23 -35.92
CA ASN B 209 -22.76 -10.96 -36.07
C ASN B 209 -23.63 -11.74 -35.07
N ALA B 210 -23.17 -11.82 -33.82
CA ALA B 210 -23.95 -12.47 -32.77
C ALA B 210 -25.27 -11.72 -32.56
N PRO B 211 -26.37 -12.47 -32.48
CA PRO B 211 -27.71 -11.89 -32.36
C PRO B 211 -27.97 -11.17 -31.03
N ARG B 212 -27.47 -11.73 -29.93
CA ARG B 212 -27.79 -11.17 -28.62
C ARG B 212 -26.56 -11.16 -27.72
N ILE B 213 -26.66 -10.42 -26.62
CA ILE B 213 -25.59 -10.41 -25.63
C ILE B 213 -26.16 -10.05 -24.26
N SER B 214 -25.48 -10.47 -23.20
CA SER B 214 -25.93 -10.20 -21.84
C SER B 214 -24.91 -9.29 -21.15
N LEU B 215 -25.39 -8.19 -20.58
CA LEU B 215 -24.52 -7.17 -20.00
C LEU B 215 -25.07 -6.61 -18.68
N GLY B 216 -24.28 -5.75 -18.03
CA GLY B 216 -24.71 -5.04 -16.84
C GLY B 216 -25.47 -3.77 -17.15
N ASN B 217 -25.38 -2.76 -16.28
CA ASN B 217 -26.05 -1.49 -16.53
C ASN B 217 -25.49 -0.81 -17.78
N LEU B 218 -26.37 -0.24 -18.60
CA LEU B 218 -25.95 0.36 -19.87
C LEU B 218 -25.75 1.86 -19.75
N ASP B 219 -26.06 2.42 -18.58
CA ASP B 219 -26.08 3.86 -18.39
C ASP B 219 -24.88 4.35 -17.59
N VAL B 220 -23.87 3.51 -17.48
CA VAL B 220 -22.68 3.85 -16.71
C VAL B 220 -21.53 4.26 -17.65
N SER B 221 -21.07 5.51 -17.52
CA SER B 221 -20.11 6.05 -18.49
C SER B 221 -18.70 6.01 -17.94
N ARG B 222 -17.78 5.51 -18.76
CA ARG B 222 -16.39 5.39 -18.35
C ARG B 222 -15.44 5.84 -19.46
N ASP B 223 -14.21 6.12 -19.05
CA ASP B 223 -13.15 6.64 -19.91
C ASP B 223 -12.39 5.50 -20.57
N PHE B 224 -12.43 5.43 -21.89
CA PHE B 224 -11.68 4.38 -22.61
C PHE B 224 -10.66 4.99 -23.55
N SER B 225 -9.48 4.37 -23.64
CA SER B 225 -8.43 4.83 -24.55
C SER B 225 -7.98 3.74 -25.52
N ASP B 226 -7.39 4.18 -26.62
CA ASP B 226 -6.75 3.29 -27.57
C ASP B 226 -5.39 2.95 -27.01
N VAL B 227 -5.03 1.66 -26.95
CA VAL B 227 -3.71 1.27 -26.45
C VAL B 227 -2.56 2.02 -27.16
N ARG B 228 -2.77 2.35 -28.44
CA ARG B 228 -1.72 3.06 -29.18
C ARG B 228 -1.57 4.50 -28.65
N ASP B 229 -2.68 5.12 -28.25
CA ASP B 229 -2.60 6.43 -27.61
C ASP B 229 -1.86 6.33 -26.28
N VAL B 230 -2.11 5.23 -25.56
CA VAL B 230 -1.49 5.04 -24.26
C VAL B 230 0.03 4.88 -24.41
N THR B 231 0.48 4.08 -25.39
CA THR B 231 1.94 3.91 -25.52
C THR B 231 2.60 5.18 -26.03
N ALA B 232 1.90 5.95 -26.86
CA ALA B 232 2.47 7.23 -27.31
C ALA B 232 2.76 8.12 -26.09
N ALA B 233 1.83 8.15 -25.13
CA ALA B 233 2.02 8.90 -23.90
C ALA B 233 3.15 8.32 -23.04
N TYR B 234 3.24 6.99 -22.97
CA TYR B 234 4.29 6.35 -22.21
C TYR B 234 5.66 6.75 -22.74
N LEU B 235 5.82 6.77 -24.07
CA LEU B 235 7.09 7.15 -24.66
C LEU B 235 7.46 8.62 -24.35
N LYS B 236 6.49 9.53 -24.46
CA LYS B 236 6.77 10.94 -24.16
C LYS B 236 7.14 11.11 -22.69
N LEU B 237 6.53 10.34 -21.79
CA LEU B 237 6.94 10.36 -20.39
C LEU B 237 8.38 9.88 -20.20
N ILE B 238 8.76 8.84 -20.93
CA ILE B 238 10.14 8.35 -20.91
CA ILE B 238 10.14 8.35 -20.91
C ILE B 238 11.11 9.45 -21.37
N GLU B 239 10.77 10.10 -22.49
CA GLU B 239 11.63 11.13 -23.08
C GLU B 239 11.75 12.39 -22.21
N ALA B 240 10.65 12.79 -21.58
CA ALA B 240 10.69 13.96 -20.70
C ALA B 240 11.22 13.59 -19.32
N ALA B 241 11.12 12.32 -18.93
CA ALA B 241 11.56 11.84 -17.60
C ALA B 241 11.24 12.80 -16.43
N PRO B 242 9.95 13.13 -16.24
CA PRO B 242 9.66 14.00 -15.09
C PRO B 242 9.70 13.22 -13.78
N ALA B 243 10.91 13.04 -13.27
CA ALA B 243 11.16 12.23 -12.07
C ALA B 243 10.28 12.67 -10.90
N GLY B 244 9.67 11.70 -10.21
CA GLY B 244 8.91 12.01 -9.01
C GLY B 244 7.46 12.36 -9.27
N GLU B 245 7.04 12.36 -10.53
CA GLU B 245 5.70 12.79 -10.89
C GLU B 245 4.80 11.62 -11.34
N THR B 246 3.53 11.73 -10.98
CA THR B 246 2.50 10.75 -11.33
C THR B 246 1.55 11.37 -12.36
N PHE B 247 1.16 10.61 -13.40
CA PHE B 247 0.31 11.15 -14.48
C PHE B 247 -0.86 10.23 -14.84
N ASN B 248 -2.08 10.76 -14.79
CA ASN B 248 -3.20 10.08 -15.43
C ASN B 248 -2.88 9.91 -16.91
N VAL B 249 -3.23 8.75 -17.47
CA VAL B 249 -3.21 8.61 -18.92
C VAL B 249 -4.62 8.15 -19.30
N CYS B 250 -5.35 8.98 -20.05
CA CYS B 250 -6.77 8.78 -20.25
C CYS B 250 -7.26 9.64 -21.43
N SER B 251 -8.46 9.35 -21.94
CA SER B 251 -8.95 10.04 -23.13
C SER B 251 -9.69 11.32 -22.82
N GLU B 252 -10.14 11.44 -21.57
CA GLU B 252 -10.98 12.56 -21.09
C GLU B 252 -12.40 12.56 -21.66
N ARG B 253 -12.80 11.48 -22.33
CA ARG B 253 -14.21 11.36 -22.71
C ARG B 253 -14.80 10.07 -22.12
N ALA B 254 -15.98 10.19 -21.53
CA ALA B 254 -16.66 9.05 -20.93
C ALA B 254 -17.82 8.57 -21.80
N TYR B 255 -17.80 7.29 -22.16
CA TYR B 255 -18.88 6.72 -22.94
C TYR B 255 -19.58 5.64 -22.12
N SER B 256 -20.91 5.65 -22.18
CA SER B 256 -21.71 4.61 -21.58
C SER B 256 -21.69 3.38 -22.47
N LEU B 257 -22.11 2.25 -21.92
CA LEU B 257 -22.20 1.03 -22.71
C LEU B 257 -23.21 1.19 -23.86
N LYS B 258 -24.25 2.00 -23.65
CA LYS B 258 -25.23 2.27 -24.69
C LYS B 258 -24.62 3.03 -25.88
N GLU B 259 -23.80 4.01 -25.56
CA GLU B 259 -23.07 4.76 -26.59
C GLU B 259 -22.04 3.87 -27.32
N VAL B 260 -21.38 2.98 -26.58
CA VAL B 260 -20.42 2.09 -27.22
C VAL B 260 -21.12 1.12 -28.17
N LEU B 261 -22.21 0.53 -27.69
CA LEU B 261 -23.04 -0.33 -28.52
C LEU B 261 -23.53 0.40 -29.77
N ALA B 262 -23.95 1.65 -29.60
CA ALA B 262 -24.42 2.42 -30.74
C ALA B 262 -23.30 2.62 -31.75
N MET B 263 -22.07 2.81 -31.25
CA MET B 263 -20.94 2.96 -32.16
C MET B 263 -20.74 1.68 -32.97
N LEU B 264 -20.85 0.54 -32.29
CA LEU B 264 -20.63 -0.75 -32.93
C LEU B 264 -21.78 -1.13 -33.86
N SER B 265 -23.00 -0.75 -33.49
CA SER B 265 -24.18 -0.98 -34.35
C SER B 265 -23.97 -0.32 -35.69
N ARG B 266 -23.44 0.89 -35.64
CA ARG B 266 -23.16 1.70 -36.81
C ARG B 266 -22.04 1.06 -37.67
N ILE B 267 -21.06 0.47 -37.00
CA ILE B 267 -19.94 -0.15 -37.69
C ILE B 267 -20.38 -1.43 -38.38
N ALA B 268 -21.11 -2.28 -37.66
CA ALA B 268 -21.50 -3.60 -38.16
C ALA B 268 -22.77 -3.59 -39.02
N GLY B 269 -23.61 -2.57 -38.84
CA GLY B 269 -24.82 -2.44 -39.65
C GLY B 269 -26.05 -3.15 -39.13
N TYR B 270 -26.05 -3.49 -37.85
CA TYR B 270 -27.21 -4.09 -37.19
C TYR B 270 -27.16 -3.79 -35.70
N VAL B 271 -28.30 -3.96 -35.03
CA VAL B 271 -28.37 -3.67 -33.61
C VAL B 271 -28.49 -4.96 -32.79
N ILE B 272 -27.51 -5.23 -31.94
CA ILE B 272 -27.55 -6.44 -31.13
C ILE B 272 -28.62 -6.30 -30.06
N ASP B 273 -29.27 -7.41 -29.71
CA ASP B 273 -30.28 -7.35 -28.66
C ASP B 273 -29.57 -7.55 -27.33
N VAL B 274 -29.85 -6.66 -26.38
CA VAL B 274 -29.16 -6.71 -25.10
C VAL B 274 -30.09 -7.15 -23.99
N THR B 275 -29.60 -8.09 -23.20
CA THR B 275 -30.27 -8.53 -21.98
C THR B 275 -29.48 -7.99 -20.79
N ILE B 276 -30.18 -7.41 -19.83
CA ILE B 276 -29.52 -6.91 -18.64
C ILE B 276 -29.57 -8.00 -17.58
N ASP B 277 -28.41 -8.59 -17.29
CA ASP B 277 -28.30 -9.64 -16.28
C ASP B 277 -27.99 -8.98 -14.93
N PRO B 278 -28.84 -9.25 -13.92
CA PRO B 278 -28.58 -8.71 -12.58
C PRO B 278 -27.24 -9.20 -12.01
N ARG B 279 -26.81 -10.38 -12.42
CA ARG B 279 -25.54 -10.94 -11.99
C ARG B 279 -24.34 -10.07 -12.41
N PHE B 280 -24.49 -9.35 -13.52
CA PHE B 280 -23.42 -8.50 -14.03
C PHE B 280 -23.64 -7.03 -13.71
N VAL B 281 -24.78 -6.71 -13.12
CA VAL B 281 -25.13 -5.33 -12.81
C VAL B 281 -24.69 -4.96 -11.39
N ARG B 282 -23.80 -3.97 -11.28
CA ARG B 282 -23.34 -3.51 -9.97
C ARG B 282 -24.12 -2.27 -9.57
N HIS B 283 -24.83 -2.39 -8.45
CA HIS B 283 -25.80 -1.37 -8.02
C HIS B 283 -25.18 -0.02 -7.64
N ASN B 284 -24.03 -0.06 -6.99
CA ASN B 284 -23.45 1.16 -6.41
C ASN B 284 -22.42 1.86 -7.30
N GLU B 285 -22.25 1.38 -8.52
CA GLU B 285 -21.28 1.97 -9.44
C GLU B 285 -21.71 3.40 -9.77
N VAL B 286 -20.76 4.32 -9.73
CA VAL B 286 -20.99 5.72 -10.05
C VAL B 286 -21.43 5.83 -11.52
N LYS B 287 -22.37 6.72 -11.82
CA LYS B 287 -22.93 6.84 -13.17
C LYS B 287 -21.92 7.32 -14.20
N SER B 288 -21.07 8.27 -13.82
CA SER B 288 -20.04 8.75 -14.72
C SER B 288 -18.74 9.03 -14.00
N LEU B 289 -17.65 8.55 -14.59
CA LEU B 289 -16.32 8.72 -14.02
C LEU B 289 -15.33 8.77 -15.16
N SER B 290 -14.52 9.81 -15.21
CA SER B 290 -13.50 9.91 -16.25
C SER B 290 -12.25 10.59 -15.69
N GLY B 291 -11.19 10.63 -16.47
CA GLY B 291 -9.95 11.22 -16.00
C GLY B 291 -9.66 12.55 -16.66
N SER B 292 -8.87 13.39 -15.99
CA SER B 292 -8.25 14.52 -16.66
C SER B 292 -6.80 14.20 -16.98
N ARG B 293 -6.37 14.44 -18.23
CA ARG B 293 -4.95 14.26 -18.58
C ARG B 293 -4.28 15.61 -18.72
N ASP B 294 -4.85 16.64 -18.09
CA ASP B 294 -4.27 17.98 -18.20
C ASP B 294 -2.83 18.06 -17.68
N LYS B 295 -2.52 17.33 -16.62
CA LYS B 295 -1.17 17.34 -16.09
C LYS B 295 -0.20 16.77 -17.11
N LEU B 296 -0.56 15.62 -17.68
CA LEU B 296 0.24 14.99 -18.75
C LEU B 296 0.43 15.97 -19.91
N ARG B 297 -0.66 16.60 -20.36
CA ARG B 297 -0.59 17.49 -21.52
C ARG B 297 0.37 18.65 -21.27
N ARG B 298 0.29 19.24 -20.07
CA ARG B 298 1.17 20.34 -19.72
C ARG B 298 2.64 19.92 -19.60
N ALA B 299 2.88 18.65 -19.30
CA ALA B 299 4.24 18.17 -19.11
C ALA B 299 4.91 17.76 -20.42
N VAL B 300 4.16 17.13 -21.32
CA VAL B 300 4.77 16.57 -22.54
C VAL B 300 4.20 17.10 -23.86
N GLY B 301 3.14 17.88 -23.79
CA GLY B 301 2.59 18.45 -25.01
C GLY B 301 1.52 17.60 -25.66
N GLU B 302 1.14 17.98 -26.88
CA GLU B 302 0.04 17.32 -27.59
C GLU B 302 0.37 15.87 -27.87
N LEU B 303 -0.66 15.05 -27.75
CA LEU B 303 -0.56 13.62 -27.96
C LEU B 303 -1.75 13.17 -28.77
N PRO B 304 -1.59 12.12 -29.57
CA PRO B 304 -2.78 11.66 -30.28
C PRO B 304 -3.88 11.20 -29.32
N VAL B 305 -5.11 11.67 -29.55
CA VAL B 305 -6.27 11.08 -28.89
C VAL B 305 -7.18 10.59 -30.01
N THR B 306 -7.22 9.28 -30.20
CA THR B 306 -8.01 8.63 -31.23
C THR B 306 -9.50 8.52 -30.87
N PRO B 307 -10.39 8.83 -31.81
CA PRO B 307 -11.82 8.60 -31.51
C PRO B 307 -12.08 7.13 -31.18
N LEU B 308 -12.92 6.86 -30.18
CA LEU B 308 -13.21 5.49 -29.80
C LEU B 308 -13.84 4.69 -30.95
N ASP B 309 -14.66 5.31 -31.79
CA ASP B 309 -15.30 4.56 -32.87
C ASP B 309 -14.23 4.08 -33.87
N GLU B 310 -13.19 4.88 -34.07
CA GLU B 310 -12.06 4.47 -34.89
C GLU B 310 -11.33 3.27 -34.25
N THR B 311 -11.09 3.34 -32.95
CA THR B 311 -10.53 2.21 -32.23
C THR B 311 -11.39 0.94 -32.38
N LEU B 312 -12.70 1.07 -32.21
CA LEU B 312 -13.60 -0.06 -32.29
C LEU B 312 -13.63 -0.65 -33.70
N ARG B 313 -13.56 0.21 -34.71
CA ARG B 313 -13.60 -0.27 -36.09
C ARG B 313 -12.33 -1.07 -36.36
N TRP B 314 -11.22 -0.52 -35.90
CA TRP B 314 -9.92 -1.17 -35.98
C TRP B 314 -10.01 -2.59 -35.42
N MET B 315 -10.63 -2.71 -34.25
CA MET B 315 -10.77 -4.00 -33.58
C MET B 315 -11.75 -4.94 -34.29
N VAL B 316 -12.91 -4.41 -34.69
CA VAL B 316 -13.89 -5.22 -35.42
C VAL B 316 -13.28 -5.79 -36.68
N ASP B 317 -12.59 -4.95 -37.44
CA ASP B 317 -11.95 -5.40 -38.67
C ASP B 317 -10.94 -6.51 -38.41
N ALA B 318 -10.15 -6.39 -37.34
CA ALA B 318 -9.15 -7.40 -37.05
C ALA B 318 -9.79 -8.75 -36.77
N MET B 319 -10.92 -8.73 -36.08
CA MET B 319 -11.66 -9.94 -35.73
C MET B 319 -12.18 -10.66 -36.97
N ARG B 320 -12.67 -9.89 -37.93
CA ARG B 320 -13.27 -10.44 -39.14
C ARG B 320 -12.24 -10.97 -40.13
N ALA B 321 -11.06 -10.37 -40.13
CA ALA B 321 -9.97 -10.80 -41.00
C ALA B 321 -9.38 -12.14 -40.55
N ALA B 322 -9.63 -12.50 -39.29
CA ALA B 322 -9.06 -13.72 -38.70
C ALA B 322 -9.56 -14.97 -39.44
N1 EPE C . -14.57 10.16 7.43
C2 EPE C . -14.75 11.43 8.18
C3 EPE C . -16.22 11.62 8.55
N4 EPE C . -17.06 11.50 7.37
C5 EPE C . -16.44 11.16 6.11
C6 EPE C . -15.49 9.98 6.29
C7 EPE C . -18.50 11.56 7.49
C8 EPE C . -19.13 12.24 6.29
O8 EPE C . -18.57 13.52 6.11
C9 EPE C . -13.19 10.07 6.95
C10 EPE C . -12.70 8.65 7.12
S EPE C . -10.94 8.59 7.55
O1S EPE C . -10.22 9.64 6.83
O2S EPE C . -10.85 8.83 8.98
O3S EPE C . -10.38 7.28 7.20
N1 EPE D . 4.87 16.98 -7.15
C2 EPE D . 4.25 18.24 -7.59
C3 EPE D . 5.34 19.22 -7.99
N4 EPE D . 6.46 19.30 -7.05
C5 EPE D . 6.82 18.12 -6.26
C6 EPE D . 5.63 17.23 -5.92
C7 EPE D . 7.54 20.21 -7.38
C8 EPE D . 7.89 21.14 -6.24
O8 EPE D . 6.77 21.95 -5.94
C9 EPE D . 3.82 16.00 -6.85
C10 EPE D . 4.39 14.61 -7.07
S EPE D . 3.09 13.39 -7.37
O1S EPE D . 1.92 13.73 -6.56
O2S EPE D . 2.76 13.49 -8.80
O3S EPE D . 3.57 12.05 -7.02
#